data_7PRX
#
_entry.id   7PRX
#
_cell.length_a   42.342
_cell.length_b   73.433
_cell.length_c   43.933
_cell.angle_alpha   90
_cell.angle_beta   105.86
_cell.angle_gamma   90
#
_symmetry.space_group_name_H-M   'P 1 21 1'
#
loop_
_entity.id
_entity.type
_entity.pdbx_description
1 polymer 'Glucocorticoid receptor'
2 polymer 'Peroxisome proliferator-activated receptor gamma coactivator 1-alpha'
3 non-polymer Velsecorat
4 water water
#
loop_
_entity_poly.entity_id
_entity_poly.type
_entity_poly.pdbx_seq_one_letter_code
_entity_poly.pdbx_strand_id
1 'polypeptide(L)'
;GTPTLVSLLEVIEPEVLYAGYDSSVPDSTWRIMTTLNMLGGRQVIAAVKWAKAIPGFRNLHLDDQMTLLQYSWMFLMAFA
LGWRSYRQSSANLLCFAPDLIINEQRMTLPCMYDQCKHMLYVSSELHRLQVSYEEYLCMKTLLLLSSVPKDGLKSQELFD
EIRMTYIKELGKAIVKREGNSSQNWQRFYQLTKLLDSMHEVVENLLNYCFQTFLDKTMSIEFPEMLAEIITNQIPKYSNG
NIKKLLFHQK
;
A
2 'polypeptide(L)' PPQEAEEPSLLKKLLLAPANT B
#
loop_
_chem_comp.id
_chem_comp.type
_chem_comp.name
_chem_comp.formula
82H non-polymer Velsecorat 'C32 H32 F2 N4 O6'
#
# COMPACT_ATOMS: atom_id res chain seq x y z
N THR A 2 14.28 -16.79 -16.11
CA THR A 2 15.48 -17.28 -15.43
C THR A 2 16.63 -16.23 -15.33
N PRO A 3 16.49 -15.14 -14.54
CA PRO A 3 15.40 -14.79 -13.64
C PRO A 3 14.45 -13.70 -14.15
N THR A 4 13.13 -13.93 -14.03
CA THR A 4 12.16 -12.92 -14.42
C THR A 4 12.03 -11.94 -13.27
N LEU A 5 11.54 -10.74 -13.55
CA LEU A 5 11.33 -9.75 -12.50
C LEU A 5 10.16 -10.17 -11.60
N VAL A 6 9.13 -10.85 -12.15
CA VAL A 6 7.97 -11.29 -11.39
C VAL A 6 8.35 -12.39 -10.38
N SER A 7 9.31 -13.27 -10.73
CA SER A 7 9.79 -14.28 -9.77
C SER A 7 10.55 -13.59 -8.65
N LEU A 8 11.29 -12.49 -8.95
CA LEU A 8 11.97 -11.73 -7.92
C LEU A 8 10.91 -11.11 -7.00
N LEU A 9 9.83 -10.53 -7.59
CA LEU A 9 8.76 -9.94 -6.78
C LEU A 9 8.11 -10.96 -5.88
N GLU A 10 8.00 -12.21 -6.34
CA GLU A 10 7.39 -13.28 -5.59
C GLU A 10 8.27 -13.60 -4.37
N VAL A 11 9.60 -13.69 -4.57
CA VAL A 11 10.54 -13.95 -3.48
C VAL A 11 10.49 -12.82 -2.44
N ILE A 12 10.45 -11.56 -2.89
CA ILE A 12 10.48 -10.44 -1.92
C ILE A 12 9.14 -10.10 -1.32
N GLU A 13 8.04 -10.70 -1.77
CA GLU A 13 6.71 -10.37 -1.22
C GLU A 13 6.66 -10.46 0.30
N PRO A 14 6.35 -9.34 0.98
CA PRO A 14 6.31 -9.35 2.45
C PRO A 14 5.43 -10.44 3.05
N GLU A 15 5.90 -11.02 4.14
CA GLU A 15 5.13 -12.02 4.85
C GLU A 15 3.88 -11.38 5.49
N VAL A 16 2.88 -12.24 5.72
CA VAL A 16 1.62 -11.93 6.41
C VAL A 16 1.99 -11.86 7.91
N LEU A 17 1.83 -10.70 8.54
CA LEU A 17 2.21 -10.50 9.94
C LEU A 17 1.04 -10.76 10.87
N TYR A 18 1.31 -11.04 12.17
CA TYR A 18 0.30 -11.18 13.20
C TYR A 18 0.04 -9.82 13.84
N ALA A 19 -1.20 -9.61 14.28
CA ALA A 19 -1.66 -8.40 14.94
C ALA A 19 -1.25 -8.29 16.39
N GLY A 20 -1.15 -9.42 17.08
CA GLY A 20 -0.90 -9.48 18.52
C GLY A 20 -2.18 -9.11 19.25
N TYR A 21 -3.34 -9.48 18.70
CA TYR A 21 -4.63 -9.13 19.24
C TYR A 21 -5.01 -10.03 20.39
N ASP A 22 -5.69 -9.46 21.40
CA ASP A 22 -6.14 -10.25 22.53
C ASP A 22 -7.63 -10.53 22.37
N SER A 23 -7.99 -11.79 22.13
CA SER A 23 -9.39 -12.15 21.94
C SER A 23 -10.05 -12.74 23.22
N SER A 24 -9.40 -12.62 24.37
CA SER A 24 -9.96 -13.10 25.64
C SER A 24 -10.48 -11.92 26.49
N VAL A 25 -10.97 -10.89 25.81
CA VAL A 25 -11.52 -9.65 26.33
C VAL A 25 -12.47 -9.18 25.19
N PRO A 26 -13.72 -8.81 25.52
CA PRO A 26 -14.69 -8.44 24.47
C PRO A 26 -14.24 -7.32 23.54
N ASP A 27 -14.76 -7.31 22.30
CA ASP A 27 -14.40 -6.33 21.29
C ASP A 27 -14.82 -4.90 21.62
N SER A 28 -14.06 -3.97 21.07
CA SER A 28 -14.23 -2.53 21.19
C SER A 28 -13.56 -1.90 19.93
N THR A 29 -14.03 -0.73 19.49
CA THR A 29 -13.46 -0.08 18.31
C THR A 29 -12.06 0.40 18.62
N TRP A 30 -11.86 1.00 19.81
CA TRP A 30 -10.54 1.49 20.23
C TRP A 30 -9.48 0.39 20.17
N ARG A 31 -9.76 -0.77 20.77
CA ARG A 31 -8.79 -1.85 20.79
C ARG A 31 -8.46 -2.35 19.41
N ILE A 32 -9.46 -2.43 18.51
CA ILE A 32 -9.21 -2.91 17.14
C ILE A 32 -8.44 -1.90 16.29
N MET A 33 -8.82 -0.63 16.36
CA MET A 33 -8.18 0.42 15.56
C MET A 33 -6.79 0.71 16.05
N THR A 34 -6.56 0.67 17.38
CA THR A 34 -5.23 0.91 17.92
C THR A 34 -4.30 -0.22 17.55
N THR A 35 -4.80 -1.47 17.57
CA THR A 35 -4.03 -2.67 17.22
C THR A 35 -3.73 -2.63 15.73
N LEU A 36 -4.74 -2.32 14.89
CA LEU A 36 -4.48 -2.22 13.45
C LEU A 36 -3.53 -1.08 13.13
N ASN A 37 -3.49 -0.03 13.97
CA ASN A 37 -2.54 1.05 13.78
C ASN A 37 -1.12 0.53 14.03
N MET A 38 -0.88 -0.14 15.20
CA MET A 38 0.41 -0.69 15.54
C MET A 38 0.87 -1.69 14.46
N LEU A 39 -0.01 -2.65 14.10
CA LEU A 39 0.23 -3.61 13.00
C LEU A 39 0.58 -2.83 11.69
N GLY A 40 -0.17 -1.78 11.38
CA GLY A 40 0.08 -0.94 10.22
C GLY A 40 1.48 -0.35 10.13
N GLY A 41 2.04 0.05 11.27
CA GLY A 41 3.41 0.59 11.32
C GLY A 41 4.44 -0.46 10.96
N ARG A 42 4.19 -1.69 11.40
CA ARG A 42 5.00 -2.87 11.11
C ARG A 42 4.86 -3.28 9.60
N GLN A 43 3.68 -3.08 9.03
CA GLN A 43 3.46 -3.35 7.60
C GLN A 43 4.21 -2.28 6.76
N VAL A 44 4.21 -1.03 7.23
CA VAL A 44 4.98 0.03 6.57
C VAL A 44 6.47 -0.30 6.58
N ILE A 45 7.01 -0.84 7.70
CA ILE A 45 8.38 -1.27 7.78
C ILE A 45 8.68 -2.35 6.73
N ALA A 46 7.83 -3.42 6.65
CA ALA A 46 7.94 -4.48 5.63
C ALA A 46 7.91 -3.89 4.22
N ALA A 47 7.08 -2.86 3.99
CA ALA A 47 6.99 -2.22 2.67
C ALA A 47 8.26 -1.51 2.30
N VAL A 48 8.95 -0.87 3.26
CA VAL A 48 10.21 -0.17 3.00
C VAL A 48 11.28 -1.22 2.65
N LYS A 49 11.36 -2.28 3.45
CA LYS A 49 12.27 -3.39 3.25
C LYS A 49 12.06 -4.04 1.89
N TRP A 50 10.79 -4.09 1.43
CA TRP A 50 10.37 -4.66 0.15
C TRP A 50 10.78 -3.70 -0.96
N ALA A 51 10.53 -2.40 -0.79
CA ALA A 51 10.91 -1.39 -1.79
C ALA A 51 12.42 -1.40 -2.02
N LYS A 52 13.22 -1.62 -0.97
CA LYS A 52 14.67 -1.68 -1.10
C LYS A 52 15.18 -2.82 -1.98
N ALA A 53 14.44 -3.91 -2.05
CA ALA A 53 14.75 -5.08 -2.87
C ALA A 53 14.06 -5.01 -4.25
N ILE A 54 13.23 -4.00 -4.53
CA ILE A 54 12.61 -3.87 -5.86
C ILE A 54 13.69 -3.42 -6.84
N PRO A 55 13.97 -4.23 -7.88
CA PRO A 55 14.98 -3.85 -8.88
C PRO A 55 14.73 -2.48 -9.50
N GLY A 56 15.64 -1.54 -9.25
CA GLY A 56 15.53 -0.21 -9.81
C GLY A 56 15.32 0.87 -8.78
N PHE A 57 14.54 0.58 -7.72
CA PHE A 57 14.19 1.58 -6.71
C PHE A 57 15.39 2.23 -6.00
N ARG A 58 16.32 1.43 -5.45
CA ARG A 58 17.50 2.01 -4.77
C ARG A 58 18.41 2.83 -5.72
N ASN A 59 18.13 2.81 -7.04
CA ASN A 59 18.84 3.66 -7.98
C ASN A 59 18.33 5.11 -7.90
N LEU A 60 17.06 5.31 -7.50
CA LEU A 60 16.51 6.65 -7.33
C LEU A 60 17.23 7.35 -6.19
N HIS A 61 17.22 8.69 -6.20
CA HIS A 61 17.86 9.48 -5.13
C HIS A 61 17.07 9.23 -3.83
N LEU A 62 17.75 9.26 -2.67
CA LEU A 62 17.12 9.00 -1.38
C LEU A 62 15.87 9.84 -1.10
N ASP A 63 15.82 11.09 -1.60
CA ASP A 63 14.65 11.95 -1.42
C ASP A 63 13.46 11.41 -2.22
N ASP A 64 13.71 10.87 -3.42
CA ASP A 64 12.68 10.26 -4.24
C ASP A 64 12.16 8.98 -3.59
N GLN A 65 13.04 8.20 -2.96
CA GLN A 65 12.70 6.97 -2.25
C GLN A 65 11.78 7.30 -1.08
N MET A 66 12.12 8.34 -0.27
CA MET A 66 11.31 8.86 0.86
C MET A 66 9.96 9.26 0.31
N THR A 67 9.97 10.10 -0.75
CA THR A 67 8.80 10.64 -1.41
C THR A 67 7.83 9.57 -1.87
N LEU A 68 8.29 8.53 -2.60
CA LEU A 68 7.37 7.51 -3.10
C LEU A 68 6.73 6.70 -2.03
N LEU A 69 7.50 6.31 -0.97
CA LEU A 69 6.95 5.51 0.12
C LEU A 69 5.96 6.36 0.96
N GLN A 70 6.29 7.63 1.20
CA GLN A 70 5.42 8.55 1.96
C GLN A 70 4.10 8.79 1.21
N TYR A 71 4.11 8.72 -0.13
CA TYR A 71 2.90 8.94 -0.92
C TYR A 71 2.14 7.62 -1.14
N SER A 72 2.85 6.49 -1.28
CA SER A 72 2.20 5.23 -1.63
C SER A 72 1.87 4.26 -0.51
N TRP A 73 2.38 4.46 0.71
CA TRP A 73 2.19 3.51 1.82
C TRP A 73 0.73 2.97 1.97
N MET A 74 -0.31 3.82 1.91
CA MET A 74 -1.70 3.37 2.07
C MET A 74 -2.20 2.55 0.87
N PHE A 75 -1.69 2.86 -0.32
CA PHE A 75 -2.02 2.11 -1.54
C PHE A 75 -1.55 0.66 -1.38
N LEU A 76 -0.30 0.47 -0.89
CA LEU A 76 0.27 -0.87 -0.68
C LEU A 76 -0.53 -1.66 0.37
N MET A 77 -0.74 -1.06 1.54
CA MET A 77 -1.48 -1.71 2.60
C MET A 77 -2.90 -2.08 2.18
N ALA A 78 -3.62 -1.15 1.55
CA ALA A 78 -4.97 -1.41 1.10
C ALA A 78 -5.01 -2.49 0.06
N PHE A 79 -4.05 -2.49 -0.89
CA PHE A 79 -4.03 -3.47 -1.99
C PHE A 79 -3.68 -4.86 -1.53
N ALA A 80 -2.73 -4.96 -0.61
CA ALA A 80 -2.30 -6.24 -0.07
C ALA A 80 -3.38 -6.78 0.88
N LEU A 81 -4.08 -5.91 1.62
CA LEU A 81 -5.22 -6.31 2.45
C LEU A 81 -6.33 -6.84 1.52
N GLY A 82 -6.56 -6.14 0.41
CA GLY A 82 -7.57 -6.54 -0.57
C GLY A 82 -7.30 -7.91 -1.14
N TRP A 83 -6.01 -8.18 -1.41
CA TRP A 83 -5.58 -9.45 -1.95
C TRP A 83 -5.81 -10.56 -0.93
N ARG A 84 -5.33 -10.37 0.31
CA ARG A 84 -5.54 -11.40 1.34
C ARG A 84 -7.03 -11.66 1.61
N SER A 85 -7.84 -10.60 1.70
CA SER A 85 -9.28 -10.78 1.95
C SER A 85 -9.96 -11.56 0.77
N TYR A 86 -9.47 -11.35 -0.44
CA TYR A 86 -9.94 -12.00 -1.67
C TYR A 86 -9.63 -13.53 -1.60
N ARG A 87 -8.34 -13.89 -1.45
CA ARG A 87 -7.93 -15.28 -1.49
C ARG A 87 -8.49 -16.11 -0.36
N GLN A 88 -8.49 -15.54 0.86
CA GLN A 88 -8.97 -16.15 2.10
C GLN A 88 -10.47 -16.10 2.34
N SER A 89 -11.23 -15.08 1.88
CA SER A 89 -12.68 -15.02 2.21
C SER A 89 -13.62 -14.72 1.05
N SER A 90 -13.09 -14.60 -0.17
CA SER A 90 -13.81 -14.19 -1.37
C SER A 90 -14.31 -12.76 -1.25
N ALA A 91 -13.57 -11.89 -0.51
CA ALA A 91 -13.88 -10.46 -0.28
C ALA A 91 -15.05 -10.20 0.65
N ASN A 92 -15.37 -11.16 1.52
CA ASN A 92 -16.45 -11.03 2.51
C ASN A 92 -15.91 -10.56 3.88
N LEU A 93 -14.65 -10.89 4.18
CA LEU A 93 -14.07 -10.53 5.48
C LEU A 93 -12.79 -9.80 5.24
N LEU A 94 -12.46 -8.84 6.12
CA LEU A 94 -11.21 -8.10 6.01
C LEU A 94 -10.13 -8.82 6.80
N CYS A 95 -9.28 -9.55 6.09
CA CYS A 95 -8.28 -10.40 6.70
C CYS A 95 -7.02 -9.66 7.01
N PHE A 96 -7.08 -8.75 8.02
CA PHE A 96 -5.93 -7.93 8.43
C PHE A 96 -4.72 -8.74 8.83
N ALA A 97 -4.91 -9.67 9.78
CA ALA A 97 -3.87 -10.54 10.30
C ALA A 97 -4.49 -11.93 10.62
N PRO A 98 -3.72 -13.04 10.70
CA PRO A 98 -4.37 -14.35 11.02
C PRO A 98 -5.16 -14.32 12.31
N ASP A 99 -4.71 -13.51 13.27
CA ASP A 99 -5.32 -13.35 14.58
C ASP A 99 -6.28 -12.17 14.69
N LEU A 100 -6.60 -11.50 13.58
CA LEU A 100 -7.55 -10.39 13.61
C LEU A 100 -8.27 -10.25 12.30
N ILE A 101 -9.41 -10.93 12.17
CA ILE A 101 -10.22 -10.85 10.97
C ILE A 101 -11.40 -9.93 11.29
N ILE A 102 -11.69 -8.96 10.41
CA ILE A 102 -12.84 -8.10 10.61
C ILE A 102 -14.06 -8.69 9.86
N ASN A 103 -14.87 -9.43 10.58
CA ASN A 103 -16.07 -10.10 10.05
C ASN A 103 -17.28 -9.13 10.03
N GLU A 104 -18.50 -9.60 9.68
CA GLU A 104 -19.69 -8.74 9.68
C GLU A 104 -19.89 -8.05 11.05
N GLN A 105 -19.89 -8.83 12.16
CA GLN A 105 -20.07 -8.35 13.54
C GLN A 105 -19.14 -7.15 13.83
N ARG A 106 -17.83 -7.31 13.57
CA ARG A 106 -16.84 -6.27 13.82
C ARG A 106 -17.05 -5.03 12.96
N MET A 107 -17.51 -5.20 11.71
CA MET A 107 -17.76 -4.06 10.83
C MET A 107 -18.86 -3.15 11.42
N THR A 108 -19.87 -3.75 12.09
CA THR A 108 -20.98 -3.04 12.73
C THR A 108 -20.57 -2.16 13.92
N LEU A 109 -19.32 -2.32 14.42
CA LEU A 109 -18.79 -1.54 15.52
C LEU A 109 -18.72 -0.07 15.12
N PRO A 110 -18.97 0.85 16.05
CA PRO A 110 -18.95 2.28 15.69
C PRO A 110 -17.66 2.73 15.03
N CYS A 111 -17.75 3.64 14.05
CA CYS A 111 -16.62 4.21 13.30
C CYS A 111 -15.94 3.21 12.33
N MET A 112 -16.19 1.90 12.50
CA MET A 112 -15.56 0.83 11.71
C MET A 112 -15.95 0.75 10.22
N TYR A 113 -17.26 0.62 9.92
CA TYR A 113 -17.77 0.43 8.57
C TYR A 113 -17.22 1.40 7.51
N ASP A 114 -17.16 2.71 7.79
CA ASP A 114 -16.68 3.72 6.85
C ASP A 114 -15.32 3.36 6.21
N GLN A 115 -14.30 3.13 7.02
CA GLN A 115 -12.98 2.76 6.53
C GLN A 115 -12.98 1.36 5.88
N CYS A 116 -13.77 0.43 6.46
CA CYS A 116 -13.92 -0.95 5.99
C CYS A 116 -14.49 -1.05 4.57
N LYS A 117 -15.61 -0.35 4.27
CA LYS A 117 -16.22 -0.43 2.94
C LYS A 117 -15.22 -0.15 1.80
N HIS A 118 -14.26 0.79 2.02
CA HIS A 118 -13.22 1.16 1.04
C HIS A 118 -12.23 0.03 0.83
N MET A 119 -11.91 -0.69 1.90
CA MET A 119 -11.02 -1.84 1.90
C MET A 119 -11.71 -3.03 1.20
N LEU A 120 -12.99 -3.26 1.53
CA LEU A 120 -13.77 -4.31 0.87
C LEU A 120 -14.04 -4.01 -0.62
N TYR A 121 -13.88 -2.75 -1.06
CA TYR A 121 -14.09 -2.43 -2.46
C TYR A 121 -12.88 -2.94 -3.26
N VAL A 122 -11.66 -2.75 -2.73
CA VAL A 122 -10.41 -3.21 -3.33
C VAL A 122 -10.45 -4.73 -3.48
N SER A 123 -10.89 -5.41 -2.41
CA SER A 123 -10.99 -6.85 -2.42
C SER A 123 -12.09 -7.32 -3.34
N SER A 124 -13.26 -6.62 -3.38
CA SER A 124 -14.39 -6.94 -4.29
C SER A 124 -13.90 -6.89 -5.72
N GLU A 125 -13.24 -5.81 -6.10
CA GLU A 125 -12.67 -5.67 -7.43
C GLU A 125 -11.61 -6.73 -7.78
N LEU A 126 -10.70 -7.05 -6.85
CA LEU A 126 -9.71 -8.10 -7.09
C LEU A 126 -10.41 -9.46 -7.33
N HIS A 127 -11.52 -9.71 -6.58
CA HIS A 127 -12.32 -10.91 -6.68
C HIS A 127 -13.05 -10.95 -8.01
N ARG A 128 -13.73 -9.84 -8.36
CA ARG A 128 -14.53 -9.71 -9.57
C ARG A 128 -13.66 -9.85 -10.82
N LEU A 129 -12.42 -9.40 -10.76
CA LEU A 129 -11.51 -9.52 -11.92
C LEU A 129 -10.66 -10.81 -11.86
N GLN A 130 -10.78 -11.62 -10.79
CA GLN A 130 -10.04 -12.87 -10.59
C GLN A 130 -8.53 -12.67 -10.88
N VAL A 131 -7.96 -11.62 -10.24
CA VAL A 131 -6.59 -11.25 -10.40
C VAL A 131 -5.66 -12.40 -9.96
N SER A 132 -4.67 -12.75 -10.77
CA SER A 132 -3.74 -13.83 -10.47
C SER A 132 -2.58 -13.31 -9.60
N TYR A 133 -1.80 -14.24 -8.99
CA TYR A 133 -0.70 -13.85 -8.12
C TYR A 133 0.29 -12.94 -8.82
N GLU A 134 0.69 -13.32 -10.02
CA GLU A 134 1.63 -12.52 -10.80
C GLU A 134 1.09 -11.14 -11.16
N GLU A 135 -0.19 -11.04 -11.59
CA GLU A 135 -0.76 -9.72 -11.90
C GLU A 135 -0.75 -8.83 -10.66
N TYR A 136 -1.13 -9.40 -9.50
CA TYR A 136 -1.11 -8.73 -8.19
C TYR A 136 0.29 -8.17 -7.83
N LEU A 137 1.36 -8.95 -8.04
CA LEU A 137 2.71 -8.50 -7.71
C LEU A 137 3.17 -7.31 -8.55
N CYS A 138 2.86 -7.34 -9.86
CA CYS A 138 3.20 -6.26 -10.79
C CYS A 138 2.35 -5.04 -10.48
N MET A 139 1.06 -5.26 -10.21
CA MET A 139 0.17 -4.15 -9.82
C MET A 139 0.65 -3.46 -8.54
N LYS A 140 1.08 -4.24 -7.53
CA LYS A 140 1.52 -3.68 -6.27
C LYS A 140 2.80 -2.84 -6.42
N THR A 141 3.76 -3.28 -7.25
CA THR A 141 4.95 -2.50 -7.53
C THR A 141 4.57 -1.19 -8.20
N LEU A 142 3.64 -1.25 -9.16
CA LEU A 142 3.11 -0.13 -9.89
C LEU A 142 2.42 0.88 -8.97
N LEU A 143 1.78 0.42 -7.89
CA LEU A 143 1.14 1.30 -6.90
C LEU A 143 2.18 2.08 -6.06
N LEU A 144 3.40 1.56 -5.93
CA LEU A 144 4.52 2.29 -5.27
C LEU A 144 4.96 3.48 -6.16
N LEU A 145 4.78 3.36 -7.49
CA LEU A 145 5.20 4.32 -8.50
C LEU A 145 4.00 5.03 -9.16
N SER A 146 2.88 5.16 -8.43
CA SER A 146 1.67 5.74 -9.02
C SER A 146 1.35 7.15 -8.57
N SER A 147 2.16 7.77 -7.70
CA SER A 147 1.92 9.14 -7.25
C SER A 147 3.26 9.83 -7.04
N VAL A 148 3.41 11.01 -7.61
CA VAL A 148 4.64 11.79 -7.54
C VAL A 148 4.32 13.28 -7.23
N PRO A 149 5.28 14.15 -6.84
CA PRO A 149 4.94 15.55 -6.58
C PRO A 149 4.54 16.29 -7.85
N LYS A 150 3.80 17.40 -7.70
CA LYS A 150 3.35 18.25 -8.81
C LYS A 150 4.54 18.63 -9.73
N ASP A 151 5.67 19.06 -9.13
CA ASP A 151 6.89 19.47 -9.84
C ASP A 151 7.80 18.28 -10.25
N GLY A 152 7.51 17.09 -9.75
CA GLY A 152 8.24 15.88 -10.11
C GLY A 152 9.30 15.40 -9.13
N LEU A 153 9.86 14.23 -9.43
CA LEU A 153 10.95 13.62 -8.68
C LEU A 153 12.31 14.14 -9.20
N LYS A 154 13.41 13.86 -8.49
CA LYS A 154 14.73 14.28 -8.90
C LYS A 154 15.27 13.34 -9.98
N SER A 155 15.09 12.04 -9.80
CA SER A 155 15.52 11.05 -10.78
C SER A 155 14.30 10.74 -11.64
N GLN A 156 13.82 11.74 -12.36
CA GLN A 156 12.62 11.62 -13.19
C GLN A 156 12.74 10.63 -14.33
N GLU A 157 13.78 10.74 -15.17
CA GLU A 157 13.98 9.83 -16.29
C GLU A 157 14.13 8.39 -15.81
N LEU A 158 14.86 8.20 -14.71
CA LEU A 158 15.07 6.88 -14.09
C LEU A 158 13.75 6.32 -13.54
N PHE A 159 12.95 7.17 -12.87
CA PHE A 159 11.66 6.77 -12.35
C PHE A 159 10.74 6.28 -13.50
N ASP A 160 10.76 7.01 -14.63
CA ASP A 160 9.99 6.69 -15.82
C ASP A 160 10.43 5.36 -16.42
N GLU A 161 11.73 5.07 -16.36
CA GLU A 161 12.27 3.79 -16.83
C GLU A 161 11.76 2.65 -15.96
N ILE A 162 11.83 2.82 -14.64
CA ILE A 162 11.40 1.81 -13.67
C ILE A 162 9.93 1.52 -13.82
N ARG A 163 9.10 2.57 -13.87
CA ARG A 163 7.66 2.39 -14.00
C ARG A 163 7.32 1.66 -15.32
N MET A 164 8.00 2.01 -16.42
CA MET A 164 7.75 1.34 -17.71
C MET A 164 8.08 -0.15 -17.62
N THR A 165 9.15 -0.48 -16.92
CA THR A 165 9.58 -1.85 -16.69
C THR A 165 8.49 -2.67 -16.03
N TYR A 166 7.83 -2.09 -15.02
CA TYR A 166 6.75 -2.75 -14.29
C TYR A 166 5.43 -2.74 -15.01
N ILE A 167 5.19 -1.76 -15.93
CA ILE A 167 4.02 -1.74 -16.80
C ILE A 167 4.18 -2.93 -17.79
N LYS A 168 5.40 -3.18 -18.30
CA LYS A 168 5.67 -4.32 -19.18
C LYS A 168 5.59 -5.65 -18.43
N GLU A 169 6.04 -5.73 -17.15
CA GLU A 169 5.93 -6.98 -16.36
C GLU A 169 4.46 -7.33 -16.22
N LEU A 170 3.63 -6.34 -15.85
CA LEU A 170 2.18 -6.58 -15.73
C LEU A 170 1.59 -7.10 -17.06
N GLY A 171 2.07 -6.56 -18.17
CA GLY A 171 1.66 -6.99 -19.51
C GLY A 171 1.95 -8.47 -19.74
N LYS A 172 3.17 -8.91 -19.37
CA LYS A 172 3.60 -10.30 -19.49
C LYS A 172 2.81 -11.26 -18.57
N ALA A 173 2.45 -10.79 -17.36
CA ALA A 173 1.66 -11.61 -16.43
C ALA A 173 0.24 -11.79 -17.00
N ILE A 174 -0.31 -10.76 -17.67
CA ILE A 174 -1.61 -10.83 -18.31
C ILE A 174 -1.53 -11.82 -19.49
N VAL A 175 -0.50 -11.71 -20.34
CA VAL A 175 -0.33 -12.61 -21.46
C VAL A 175 -0.22 -14.07 -21.02
N LYS A 176 0.59 -14.37 -20.01
CA LYS A 176 0.78 -15.72 -19.50
C LYS A 176 -0.54 -16.33 -18.99
N ARG A 177 -1.34 -15.52 -18.27
CA ARG A 177 -2.64 -15.90 -17.73
C ARG A 177 -3.63 -16.27 -18.83
N GLU A 178 -3.55 -15.60 -20.00
CA GLU A 178 -4.48 -15.88 -21.10
C GLU A 178 -3.79 -16.30 -22.44
N GLY A 179 -3.57 -15.35 -23.35
CA GLY A 179 -2.97 -15.61 -24.65
C GLY A 179 -3.78 -15.17 -25.86
N ASN A 180 -4.90 -14.45 -25.67
CA ASN A 180 -5.72 -13.95 -26.78
C ASN A 180 -5.45 -12.46 -26.89
N SER A 181 -5.01 -11.96 -28.07
CA SER A 181 -4.62 -10.56 -28.30
C SER A 181 -5.69 -9.48 -28.00
N SER A 182 -6.97 -9.70 -28.30
CA SER A 182 -8.00 -8.70 -28.00
C SER A 182 -8.30 -8.76 -26.48
N GLN A 183 -8.48 -9.98 -25.94
CA GLN A 183 -8.71 -10.20 -24.51
C GLN A 183 -7.54 -9.78 -23.62
N ASN A 184 -6.32 -9.73 -24.20
CA ASN A 184 -5.10 -9.30 -23.55
C ASN A 184 -5.26 -7.82 -23.21
N TRP A 185 -5.50 -6.94 -24.23
CA TRP A 185 -5.63 -5.49 -23.99
C TRP A 185 -6.88 -5.10 -23.23
N GLN A 186 -7.95 -5.89 -23.39
CA GLN A 186 -9.16 -5.72 -22.61
C GLN A 186 -8.85 -5.99 -21.13
N ARG A 187 -8.05 -7.02 -20.83
CA ARG A 187 -7.68 -7.32 -19.46
C ARG A 187 -6.70 -6.29 -18.90
N PHE A 188 -5.80 -5.76 -19.76
CA PHE A 188 -4.89 -4.70 -19.38
C PHE A 188 -5.69 -3.48 -18.98
N TYR A 189 -6.69 -3.12 -19.80
CA TYR A 189 -7.61 -2.01 -19.51
C TYR A 189 -8.28 -2.20 -18.13
N GLN A 190 -8.80 -3.40 -17.87
CA GLN A 190 -9.51 -3.67 -16.63
C GLN A 190 -8.61 -3.59 -15.42
N LEU A 191 -7.42 -4.19 -15.51
CA LEU A 191 -6.48 -4.17 -14.39
C LEU A 191 -5.99 -2.76 -14.12
N THR A 192 -5.68 -2.03 -15.20
CA THR A 192 -5.17 -0.67 -15.09
C THR A 192 -6.25 0.28 -14.59
N LYS A 193 -7.53 -0.01 -14.85
CA LYS A 193 -8.67 0.77 -14.34
C LYS A 193 -8.68 0.65 -12.80
N LEU A 194 -8.47 -0.56 -12.27
CA LEU A 194 -8.40 -0.77 -10.82
C LEU A 194 -7.26 0.00 -10.15
N LEU A 195 -6.09 0.03 -10.80
CA LEU A 195 -4.97 0.82 -10.34
C LEU A 195 -5.36 2.31 -10.24
N ASP A 196 -6.03 2.85 -11.27
CA ASP A 196 -6.51 4.23 -11.32
C ASP A 196 -7.50 4.48 -10.18
N SER A 197 -8.50 3.60 -10.05
CA SER A 197 -9.54 3.75 -9.06
C SER A 197 -8.98 3.71 -7.62
N MET A 198 -7.81 3.07 -7.40
CA MET A 198 -7.14 3.06 -6.09
C MET A 198 -6.83 4.46 -5.58
N HIS A 199 -6.68 5.45 -6.47
CA HIS A 199 -6.38 6.82 -6.06
C HIS A 199 -7.46 7.38 -5.16
N GLU A 200 -8.70 7.13 -5.53
CA GLU A 200 -9.92 7.56 -4.83
C GLU A 200 -10.13 6.74 -3.56
N VAL A 201 -9.84 5.43 -3.63
CA VAL A 201 -9.94 4.53 -2.48
C VAL A 201 -9.00 5.03 -1.36
N VAL A 202 -7.75 5.30 -1.72
CA VAL A 202 -6.73 5.78 -0.80
C VAL A 202 -7.04 7.22 -0.36
N GLU A 203 -7.59 8.05 -1.25
CA GLU A 203 -8.00 9.41 -0.89
C GLU A 203 -9.06 9.38 0.23
N ASN A 204 -9.95 8.38 0.20
CA ASN A 204 -10.97 8.25 1.24
C ASN A 204 -10.35 7.64 2.50
N LEU A 205 -9.44 6.67 2.34
CA LEU A 205 -8.77 6.03 3.47
C LEU A 205 -7.95 7.04 4.28
N LEU A 206 -7.16 7.86 3.61
CA LEU A 206 -6.34 8.88 4.24
C LEU A 206 -7.15 10.02 4.80
N ASN A 207 -8.33 10.35 4.22
CA ASN A 207 -9.12 11.45 4.77
C ASN A 207 -9.70 11.05 6.15
N TYR A 208 -10.06 9.77 6.32
CA TYR A 208 -10.56 9.29 7.60
C TYR A 208 -9.38 9.11 8.57
N CYS A 209 -8.26 8.53 8.08
CA CYS A 209 -7.01 8.30 8.82
C CYS A 209 -6.42 9.59 9.40
N PHE A 210 -6.37 10.65 8.61
CA PHE A 210 -5.82 11.94 9.07
C PHE A 210 -6.75 12.59 10.09
N GLN A 211 -8.08 12.40 9.95
CA GLN A 211 -9.05 12.91 10.93
C GLN A 211 -8.82 12.22 12.26
N THR A 212 -8.60 10.89 12.25
CA THR A 212 -8.37 10.10 13.47
C THR A 212 -7.05 10.46 14.14
N PHE A 213 -6.01 10.76 13.34
CA PHE A 213 -4.70 11.13 13.85
C PHE A 213 -4.74 12.50 14.52
N LEU A 214 -5.48 13.44 13.94
CA LEU A 214 -5.59 14.78 14.50
C LEU A 214 -6.68 14.89 15.59
N ASP A 215 -7.54 13.85 15.72
CA ASP A 215 -8.62 13.82 16.70
C ASP A 215 -8.08 13.68 18.12
N LYS A 216 -8.30 14.70 18.96
CA LYS A 216 -7.84 14.68 20.35
C LYS A 216 -8.80 13.84 21.25
N THR A 217 -10.09 13.81 20.88
CA THR A 217 -11.16 13.11 21.60
C THR A 217 -11.09 11.57 21.46
N MET A 218 -10.83 11.07 20.24
CA MET A 218 -10.83 9.62 19.96
C MET A 218 -9.80 8.82 20.78
N SER A 219 -8.62 9.41 21.04
CA SER A 219 -7.52 8.80 21.80
C SER A 219 -6.93 7.53 21.14
N ILE A 220 -7.18 7.34 19.83
CA ILE A 220 -6.67 6.20 19.08
C ILE A 220 -5.17 6.36 18.83
N GLU A 221 -4.35 5.43 19.34
CA GLU A 221 -2.90 5.49 19.21
C GLU A 221 -2.37 5.16 17.82
N PHE A 222 -1.19 5.71 17.49
CA PHE A 222 -0.51 5.45 16.23
C PHE A 222 0.93 5.06 16.49
N PRO A 223 1.48 4.11 15.72
CA PRO A 223 2.90 3.77 15.87
C PRO A 223 3.78 4.96 15.43
N GLU A 224 5.01 5.05 15.95
CA GLU A 224 5.86 6.18 15.63
C GLU A 224 6.18 6.30 14.13
N MET A 225 6.25 5.19 13.39
CA MET A 225 6.50 5.22 11.95
C MET A 225 5.33 5.90 11.23
N LEU A 226 4.09 5.49 11.49
CA LEU A 226 2.91 6.12 10.87
C LEU A 226 2.72 7.55 11.33
N ALA A 227 3.04 7.85 12.60
CA ALA A 227 2.91 9.19 13.12
C ALA A 227 3.81 10.18 12.33
N GLU A 228 4.98 9.71 11.87
CA GLU A 228 5.87 10.57 11.11
C GLU A 228 5.44 10.73 9.65
N ILE A 229 4.95 9.65 8.99
CA ILE A 229 4.50 9.77 7.59
C ILE A 229 3.28 10.67 7.52
N ILE A 230 2.31 10.44 8.41
CA ILE A 230 1.10 11.23 8.45
C ILE A 230 1.40 12.71 8.71
N THR A 231 2.37 13.00 9.58
CA THR A 231 2.79 14.38 9.86
C THR A 231 3.27 15.07 8.58
N ASN A 232 3.96 14.34 7.70
CA ASN A 232 4.42 14.90 6.43
C ASN A 232 3.30 15.04 5.39
N GLN A 233 2.45 14.02 5.23
CA GLN A 233 1.44 13.99 4.19
C GLN A 233 0.23 14.88 4.45
N ILE A 234 -0.03 15.28 5.70
CA ILE A 234 -1.15 16.18 5.99
C ILE A 234 -1.00 17.50 5.21
N PRO A 235 0.15 18.20 5.30
CA PRO A 235 0.31 19.43 4.49
C PRO A 235 0.48 19.20 2.98
N LYS A 236 0.82 17.97 2.57
CA LYS A 236 0.99 17.60 1.16
C LYS A 236 -0.34 17.53 0.41
N TYR A 237 -1.47 17.31 1.11
CA TYR A 237 -2.77 17.28 0.45
C TYR A 237 -3.23 18.71 0.09
N SER A 238 -2.86 19.71 0.91
CA SER A 238 -3.22 21.11 0.63
C SER A 238 -2.14 22.10 1.18
N ASN A 239 -1.44 22.86 0.31
CA ASN A 239 -1.56 22.89 -1.14
C ASN A 239 -1.25 21.53 -1.79
N GLY A 240 -1.99 21.21 -2.84
CA GLY A 240 -1.90 19.90 -3.47
C GLY A 240 -0.67 19.65 -4.29
N ASN A 241 0.37 19.07 -3.67
CA ASN A 241 1.60 18.76 -4.38
C ASN A 241 1.57 17.28 -4.78
N ILE A 242 0.44 16.81 -5.34
CA ILE A 242 0.30 15.40 -5.72
C ILE A 242 -0.19 15.21 -7.15
N LYS A 243 0.62 14.53 -7.97
CA LYS A 243 0.34 14.21 -9.35
C LYS A 243 -0.01 12.71 -9.47
N LYS A 244 -1.29 12.40 -9.70
CA LYS A 244 -1.73 11.03 -9.88
C LYS A 244 -1.30 10.51 -11.26
N LEU A 245 -0.57 9.39 -11.32
CA LEU A 245 -0.13 8.84 -12.62
C LEU A 245 -1.13 7.80 -13.12
N LEU A 246 -2.10 8.23 -13.89
CA LEU A 246 -3.19 7.37 -14.36
C LEU A 246 -2.92 6.64 -15.67
N PHE A 247 -3.62 5.51 -15.89
CA PHE A 247 -3.59 4.77 -17.15
C PHE A 247 -4.78 5.15 -18.08
N HIS A 248 -5.86 5.74 -17.52
CA HIS A 248 -7.07 6.13 -18.24
C HIS A 248 -7.55 7.51 -17.77
N GLN A 249 -8.44 8.14 -18.57
CA GLN A 249 -9.10 9.44 -18.34
C GLN A 249 -9.35 10.15 -19.67
N PRO B 1 30.15 14.67 24.38
CA PRO B 1 30.32 13.68 23.30
C PRO B 1 30.70 14.34 21.98
N PRO B 2 31.24 13.58 21.01
CA PRO B 2 31.57 14.20 19.72
C PRO B 2 30.30 14.55 18.92
N GLN B 3 30.39 15.56 18.03
CA GLN B 3 29.27 15.94 17.16
C GLN B 3 28.91 14.74 16.25
N GLU B 4 27.62 14.56 15.98
CA GLU B 4 27.13 13.43 15.21
C GLU B 4 26.12 13.88 14.17
N ALA B 5 25.83 12.99 13.22
CA ALA B 5 24.86 13.21 12.17
C ALA B 5 23.83 12.06 12.20
N GLU B 6 23.39 11.64 13.44
CA GLU B 6 22.38 10.59 13.59
C GLU B 6 21.09 11.00 12.90
N GLU B 7 20.42 10.06 12.23
CA GLU B 7 19.25 10.39 11.43
C GLU B 7 17.97 10.39 12.26
N PRO B 8 17.24 11.52 12.27
CA PRO B 8 15.98 11.57 13.04
C PRO B 8 14.81 10.80 12.42
N SER B 9 14.74 10.71 11.07
CA SER B 9 13.61 10.01 10.44
C SER B 9 13.71 8.50 10.52
N LEU B 10 12.63 7.89 10.98
CA LEU B 10 12.49 6.43 11.05
C LEU B 10 12.50 5.83 9.65
N LEU B 11 11.82 6.50 8.70
CA LEU B 11 11.77 6.04 7.31
C LEU B 11 13.16 6.09 6.68
N LYS B 12 13.85 7.23 6.83
CA LYS B 12 15.20 7.44 6.28
C LYS B 12 16.19 6.48 6.94
N LYS B 13 16.03 6.23 8.24
CA LYS B 13 16.86 5.29 8.96
C LYS B 13 16.66 3.87 8.37
N LEU B 14 15.41 3.50 8.09
CA LEU B 14 15.14 2.19 7.50
C LEU B 14 15.71 2.07 6.09
N LEU B 15 15.66 3.17 5.33
CA LEU B 15 16.16 3.19 3.97
C LEU B 15 17.71 3.12 3.93
N LEU B 16 18.39 3.72 4.91
CA LEU B 16 19.85 3.69 4.96
C LEU B 16 20.38 2.38 5.52
N ALA B 17 19.65 1.77 6.47
CA ALA B 17 20.09 0.56 7.18
C ALA B 17 20.45 -0.65 6.28
N PRO B 18 21.61 -1.28 6.55
CA PRO B 18 22.01 -2.45 5.75
C PRO B 18 21.37 -3.76 6.24
N ALA B 19 21.24 -4.79 5.37
CA ALA B 19 21.66 -4.83 3.96
C ALA B 19 20.67 -5.71 3.20
C1 82H C . -2.79 -6.83 5.26
C2 82H C . -1.66 -6.47 4.55
C3 82H C . -6.70 0.94 11.09
C7 82H C . -4.43 -0.75 6.73
C8 82H C . -3.66 -0.91 9.01
C9 82H C . -1.50 -4.41 5.76
C10 82H C . -7.31 0.70 8.82
C11 82H C . -2.74 -3.27 9.49
C12 82H C . -3.31 -2.22 8.72
C13 82H C . -1.03 -5.27 4.78
C14 82H C . -6.37 1.06 9.76
C15 82H C . -3.53 -2.75 7.47
C16 82H C . -2.61 -4.79 6.46
C19 82H C . -4.22 -0.21 7.97
C20 82H C . 0.20 -4.92 4.05
C21 82H C . -6.71 4.32 10.27
C22 82H C . 3.28 -5.36 3.86
C24 82H C . -11.09 -0.34 9.97
C27 82H C . 2.25 -6.11 3.05
C30 82H C . -4.99 1.54 9.38
C31 82H C . -4.89 3.03 9.34
C32 82H C . -7.31 4.95 11.49
C4 82H C . -4.08 -2.04 6.41
C5 82H C . -3.26 -5.98 6.23
C6 82H C . -7.93 0.49 11.50
C17 82H C . -8.86 0.16 10.56
C18 82H C . -8.54 0.24 9.21
C23 82H C . 3.80 -4.28 2.93
C25 82H C . -10.47 -0.96 8.73
C26 82H C . 2.47 -5.66 1.63
C28 82H C . -3.47 3.45 9.23
C29 82H C . -8.49 4.09 11.84
N33 82H C . -2.62 -4.38 8.76
N34 82H C . -3.07 -4.03 7.53
N35 82H C . 0.86 -6.01 3.46
N36 82H C . -5.51 3.68 10.46
O37 82H C . 0.60 -3.77 4.12
O38 82H C . -7.31 4.36 9.20
O39 82H C . -10.11 -0.31 11.00
O40 82H C . -9.46 -0.09 8.22
O41 82H C . 3.23 -4.47 1.64
O42 82H C . -4.61 1.12 8.07
F43 82H C . -6.45 5.09 12.53
F44 82H C . -7.77 6.20 11.25
#